data_1A98
#
_entry.id   1A98
#
_cell.length_a   84.166
_cell.length_b   70.927
_cell.length_c   54.051
_cell.angle_alpha   90.00
_cell.angle_beta   113.40
_cell.angle_gamma   90.00
#
_symmetry.space_group_name_H-M   'C 1 2 1'
#
loop_
_entity.id
_entity.type
_entity.pdbx_description
1 polymer 'XANTHINE-GUANINE PHOSPHORIBOSYLTRANSFERASE'
2 water water
#
_entity_poly.entity_id   1
_entity_poly.type   'polypeptide(L)'
_entity_poly.pdbx_seq_one_letter_code
;MSEKYIVTWDMLQIHARKLASRLMPSEQWKGIIAVSRGGLVPGALLARELGIRHVDTVAISSYDHDNQRELKVLKRAEGD
GEGFIVIDDLVDTGGTAVAIREMYPKAHFVTIFAKPAGRPLVDDYVVDIPQDTWIEQPWDMGVVFVPPISGR
;
_entity_poly.pdbx_strand_id   A,B
#
# COMPACT_ATOMS: atom_id res chain seq x y z
N GLU A 3 24.86 -7.31 8.51
CA GLU A 3 23.48 -7.38 8.95
C GLU A 3 22.60 -6.37 8.22
N LYS A 4 21.42 -6.82 7.81
CA LYS A 4 20.47 -5.99 7.10
C LYS A 4 19.38 -5.54 8.06
N TYR A 5 18.83 -4.35 7.82
CA TYR A 5 17.78 -3.81 8.66
C TYR A 5 16.43 -4.39 8.21
N ILE A 6 15.97 -5.40 8.91
CA ILE A 6 14.69 -6.05 8.59
C ILE A 6 13.54 -5.17 9.06
N VAL A 7 12.57 -4.95 8.19
CA VAL A 7 11.40 -4.14 8.50
C VAL A 7 10.15 -4.97 8.26
N THR A 8 9.39 -5.23 9.32
CA THR A 8 8.17 -6.01 9.20
C THR A 8 6.97 -5.07 9.06
N TRP A 9 5.88 -5.58 8.51
CA TRP A 9 4.66 -4.80 8.32
C TRP A 9 4.25 -4.04 9.58
N ASP A 10 4.25 -4.74 10.72
CA ASP A 10 3.89 -4.15 12.01
C ASP A 10 4.72 -2.92 12.34
N MET A 11 6.04 -3.05 12.21
CA MET A 11 6.96 -1.97 12.51
C MET A 11 6.79 -0.79 11.55
N LEU A 12 6.62 -1.08 10.27
CA LEU A 12 6.45 -0.03 9.27
C LEU A 12 5.23 0.81 9.62
N GLN A 13 4.16 0.12 10.01
CA GLN A 13 2.90 0.75 10.38
C GLN A 13 3.10 1.67 11.58
N ILE A 14 3.94 1.25 12.52
CA ILE A 14 4.24 2.04 13.71
C ILE A 14 4.94 3.32 13.27
N HIS A 15 5.90 3.19 12.36
CA HIS A 15 6.64 4.34 11.86
C HIS A 15 5.68 5.30 11.15
N ALA A 16 4.86 4.74 10.26
CA ALA A 16 3.89 5.53 9.50
C ALA A 16 2.96 6.32 10.41
N ARG A 17 2.43 5.66 11.44
CA ARG A 17 1.54 6.33 12.38
C ARG A 17 2.25 7.44 13.12
N LYS A 18 3.51 7.20 13.49
CA LYS A 18 4.32 8.19 14.19
C LYS A 18 4.48 9.42 13.29
N LEU A 19 4.74 9.18 12.01
CA LEU A 19 4.92 10.26 11.04
C LEU A 19 3.60 11.02 10.91
N ALA A 20 2.49 10.29 10.86
CA ALA A 20 1.17 10.88 10.75
C ALA A 20 0.95 11.86 11.90
N SER A 21 1.33 11.47 13.11
CA SER A 21 1.17 12.31 14.28
C SER A 21 1.85 13.67 14.09
N ARG A 22 3.04 13.65 13.50
CA ARG A 22 3.78 14.87 13.24
C ARG A 22 3.12 15.72 12.17
N LEU A 23 2.40 15.07 11.26
CA LEU A 23 1.71 15.76 10.18
C LEU A 23 0.34 16.32 10.58
N MET A 24 0.05 16.36 11.87
CA MET A 24 -1.22 16.87 12.35
C MET A 24 -1.16 18.38 12.57
N PRO A 25 -2.31 19.05 12.55
CA PRO A 25 -3.62 18.45 12.18
C PRO A 25 -3.69 18.13 10.67
N SER A 26 -4.67 17.30 10.27
CA SER A 26 -4.84 16.88 8.87
C SER A 26 -5.52 17.94 8.02
N GLU A 27 -6.30 18.80 8.68
CA GLU A 27 -7.06 19.86 8.02
C GLU A 27 -6.24 20.75 7.08
N GLN A 28 -4.92 20.76 7.27
CA GLN A 28 -4.03 21.59 6.44
C GLN A 28 -3.59 20.97 5.12
N TRP A 29 -3.60 19.64 5.04
CA TRP A 29 -3.16 18.97 3.83
C TRP A 29 -4.24 18.81 2.78
N LYS A 30 -3.89 19.13 1.53
CA LYS A 30 -4.81 19.04 0.41
C LYS A 30 -4.76 17.67 -0.26
N GLY A 31 -3.72 16.89 0.01
CA GLY A 31 -3.60 15.57 -0.58
C GLY A 31 -2.25 14.93 -0.39
N ILE A 32 -2.13 13.65 -0.77
CA ILE A 32 -0.88 12.92 -0.65
C ILE A 32 -0.42 12.42 -2.02
N ILE A 33 0.86 12.61 -2.30
CA ILE A 33 1.46 12.18 -3.55
C ILE A 33 2.52 11.12 -3.22
N ALA A 34 2.15 9.86 -3.38
CA ALA A 34 3.05 8.76 -3.11
C ALA A 34 3.92 8.47 -4.32
N VAL A 35 5.23 8.47 -4.10
CA VAL A 35 6.18 8.19 -5.17
C VAL A 35 6.30 6.67 -5.32
N SER A 36 6.00 6.18 -6.52
CA SER A 36 6.08 4.75 -6.81
C SER A 36 7.52 4.28 -6.64
N ARG A 37 7.71 3.04 -6.21
CA ARG A 37 6.61 2.14 -5.89
C ARG A 37 6.59 1.86 -4.39
N GLY A 38 7.72 2.14 -3.73
CA GLY A 38 7.82 1.92 -2.30
C GLY A 38 7.05 2.91 -1.46
N GLY A 39 6.96 4.16 -1.91
CA GLY A 39 6.25 5.16 -1.15
C GLY A 39 4.75 4.97 -1.10
N LEU A 40 4.23 4.18 -2.03
CA LEU A 40 2.80 3.93 -2.11
C LEU A 40 2.20 3.33 -0.84
N VAL A 41 2.84 2.31 -0.27
CA VAL A 41 2.32 1.69 0.94
C VAL A 41 2.29 2.68 2.10
N PRO A 42 3.41 3.37 2.38
CA PRO A 42 3.34 4.32 3.50
C PRO A 42 2.36 5.45 3.21
N GLY A 43 2.20 5.79 1.94
CA GLY A 43 1.27 6.83 1.56
C GLY A 43 -0.16 6.42 1.87
N ALA A 44 -0.46 5.16 1.64
CA ALA A 44 -1.78 4.62 1.92
C ALA A 44 -2.05 4.66 3.43
N LEU A 45 -1.03 4.34 4.21
CA LEU A 45 -1.16 4.36 5.67
C LEU A 45 -1.37 5.78 6.16
N LEU A 46 -0.61 6.72 5.60
CA LEU A 46 -0.76 8.12 5.98
C LEU A 46 -2.16 8.62 5.65
N ALA A 47 -2.60 8.36 4.42
CA ALA A 47 -3.92 8.77 3.98
C ALA A 47 -4.98 8.30 4.96
N ARG A 48 -4.84 7.06 5.41
CA ARG A 48 -5.78 6.46 6.35
C ARG A 48 -5.73 7.20 7.69
N GLU A 49 -4.53 7.37 8.24
CA GLU A 49 -4.38 8.04 9.52
C GLU A 49 -4.80 9.50 9.50
N LEU A 50 -4.53 10.19 8.39
CA LEU A 50 -4.86 11.59 8.25
C LEU A 50 -6.27 11.85 7.76
N GLY A 51 -6.95 10.80 7.28
CA GLY A 51 -8.30 10.94 6.80
C GLY A 51 -8.37 11.41 5.36
N ILE A 52 -7.23 11.35 4.67
CA ILE A 52 -7.15 11.73 3.26
C ILE A 52 -7.70 10.60 2.41
N ARG A 53 -8.80 10.86 1.72
CA ARG A 53 -9.52 9.86 0.94
C ARG A 53 -8.83 9.42 -0.36
N HIS A 54 -7.85 10.18 -0.87
CA HIS A 54 -7.22 9.79 -2.13
C HIS A 54 -5.71 10.01 -2.15
N VAL A 55 -4.99 9.00 -2.61
CA VAL A 55 -3.54 9.07 -2.70
C VAL A 55 -3.20 9.13 -4.19
N ASP A 56 -2.41 10.13 -4.59
CA ASP A 56 -2.01 10.27 -5.99
C ASP A 56 -0.60 9.68 -6.12
N THR A 57 -0.30 9.14 -7.30
CA THR A 57 1.01 8.54 -7.52
C THR A 57 1.74 9.22 -8.68
N VAL A 58 3.06 9.27 -8.57
CA VAL A 58 3.87 9.88 -9.61
C VAL A 58 5.08 8.99 -9.89
N ALA A 59 5.46 8.88 -11.17
CA ALA A 59 6.60 8.06 -11.55
C ALA A 59 7.86 8.91 -11.72
N ILE A 60 8.57 9.10 -10.61
CA ILE A 60 9.79 9.90 -10.60
C ILE A 60 10.51 9.74 -9.27
N GLY A 79 -0.67 22.82 -9.85
CA GLY A 79 -0.05 21.90 -8.91
C GLY A 79 1.41 22.26 -8.67
N ASP A 80 1.64 23.18 -7.74
CA ASP A 80 2.98 23.60 -7.39
C ASP A 80 3.51 22.77 -6.23
N GLY A 81 2.61 22.31 -5.38
CA GLY A 81 3.00 21.49 -4.24
C GLY A 81 2.40 21.91 -2.90
N GLU A 82 2.12 23.20 -2.75
CA GLU A 82 1.55 23.73 -1.52
C GLU A 82 0.38 22.90 -0.99
N GLY A 83 0.53 22.41 0.24
CA GLY A 83 -0.53 21.61 0.86
C GLY A 83 -0.44 20.11 0.64
N PHE A 84 0.39 19.68 -0.29
CA PHE A 84 0.54 18.26 -0.58
C PHE A 84 1.70 17.59 0.15
N ILE A 85 1.52 16.30 0.44
CA ILE A 85 2.54 15.51 1.12
C ILE A 85 3.15 14.56 0.11
N VAL A 86 4.43 14.72 -0.18
CA VAL A 86 5.11 13.83 -1.12
C VAL A 86 5.85 12.82 -0.26
N ILE A 87 5.47 11.54 -0.35
CA ILE A 87 6.11 10.52 0.47
C ILE A 87 6.77 9.38 -0.30
N ASP A 88 7.93 8.94 0.22
CA ASP A 88 8.68 7.84 -0.35
C ASP A 88 9.14 7.00 0.85
N ASP A 89 9.48 5.74 0.61
CA ASP A 89 9.90 4.86 1.69
C ASP A 89 11.25 5.16 2.32
N LEU A 90 12.26 5.39 1.48
CA LEU A 90 13.62 5.64 1.94
C LEU A 90 14.27 6.74 1.09
N VAL A 91 15.31 7.36 1.63
CA VAL A 91 16.04 8.43 0.94
C VAL A 91 17.54 8.30 1.15
N ASP A 92 18.30 8.44 0.07
CA ASP A 92 19.77 8.37 0.11
C ASP A 92 20.39 8.87 -1.18
N THR A 96 17.25 10.56 -7.34
CA THR A 96 17.59 11.44 -6.24
C THR A 96 16.40 12.32 -5.89
N ALA A 97 16.25 12.61 -4.60
CA ALA A 97 15.15 13.45 -4.12
C ALA A 97 15.14 14.83 -4.79
N VAL A 98 16.27 15.20 -5.37
CA VAL A 98 16.43 16.46 -6.08
C VAL A 98 15.39 16.61 -7.18
N ALA A 99 15.03 15.49 -7.79
CA ALA A 99 14.03 15.48 -8.86
C ALA A 99 12.65 15.72 -8.27
N ILE A 100 12.38 15.12 -7.12
CA ILE A 100 11.10 15.27 -6.45
C ILE A 100 10.90 16.72 -6.01
N ARG A 101 11.94 17.31 -5.44
CA ARG A 101 11.91 18.68 -4.98
C ARG A 101 11.69 19.62 -6.17
N GLU A 102 12.24 19.26 -7.32
CA GLU A 102 12.12 20.06 -8.53
C GLU A 102 10.70 19.97 -9.11
N MET A 103 10.10 18.78 -9.04
CA MET A 103 8.76 18.57 -9.54
C MET A 103 7.71 19.22 -8.63
N TYR A 104 7.97 19.19 -7.32
CA TYR A 104 7.05 19.78 -6.34
C TYR A 104 7.84 20.61 -5.33
N PRO A 105 8.11 21.88 -5.66
CA PRO A 105 8.86 22.82 -4.81
C PRO A 105 8.20 23.20 -3.49
N LYS A 106 6.89 23.40 -3.52
CA LYS A 106 6.16 23.80 -2.32
C LYS A 106 5.50 22.65 -1.56
N ALA A 107 5.90 21.43 -1.87
CA ALA A 107 5.34 20.25 -1.21
C ALA A 107 6.14 19.83 0.00
N HIS A 108 5.48 19.15 0.94
CA HIS A 108 6.13 18.68 2.15
C HIS A 108 6.65 17.27 1.91
N PHE A 109 7.92 17.17 1.55
CA PHE A 109 8.57 15.90 1.28
C PHE A 109 8.93 15.16 2.57
N VAL A 110 8.37 13.97 2.74
CA VAL A 110 8.62 13.15 3.92
C VAL A 110 8.90 11.71 3.53
N THR A 111 9.53 10.97 4.45
CA THR A 111 9.86 9.57 4.24
C THR A 111 9.83 8.81 5.55
N ILE A 112 9.88 7.49 5.48
CA ILE A 112 9.88 6.67 6.67
C ILE A 112 11.31 6.55 7.18
N PHE A 113 12.20 6.05 6.32
CA PHE A 113 13.60 5.88 6.67
C PHE A 113 14.44 6.92 5.94
N ALA A 114 15.67 7.11 6.39
CA ALA A 114 16.57 8.09 5.77
C ALA A 114 18.01 7.83 6.16
N LYS A 115 18.89 7.86 5.17
CA LYS A 115 20.32 7.65 5.36
C LYS A 115 20.99 9.03 5.56
N PRO A 116 22.28 9.09 5.92
CA PRO A 116 22.96 10.36 6.20
C PRO A 116 22.92 11.37 5.07
N ALA A 117 23.56 11.03 3.95
CA ALA A 117 23.61 11.91 2.79
C ALA A 117 22.22 12.37 2.34
N GLY A 118 21.23 11.52 2.58
CA GLY A 118 19.88 11.86 2.16
C GLY A 118 19.05 12.59 3.20
N ARG A 119 19.51 12.51 4.46
CA ARG A 119 18.81 13.15 5.55
C ARG A 119 18.52 14.64 5.29
N PRO A 120 19.54 15.44 4.96
CA PRO A 120 19.37 16.88 4.72
C PRO A 120 18.43 17.29 3.59
N LEU A 121 17.92 16.35 2.76
CA LEU A 121 17.12 16.77 1.62
C LEU A 121 15.62 16.65 1.89
N VAL A 122 15.24 15.86 2.91
CA VAL A 122 13.83 15.66 3.24
C VAL A 122 13.34 16.64 4.31
N ASP A 123 12.05 16.93 4.29
CA ASP A 123 11.46 17.84 5.26
C ASP A 123 11.19 17.14 6.59
N ASP A 124 11.02 15.83 6.54
CA ASP A 124 10.77 15.05 7.74
C ASP A 124 10.83 13.56 7.42
N TYR A 125 11.31 12.77 8.38
CA TYR A 125 11.43 11.33 8.23
C TYR A 125 11.22 10.73 9.62
N VAL A 126 11.32 9.41 9.74
CA VAL A 126 11.11 8.76 11.02
C VAL A 126 12.32 8.01 11.60
N VAL A 127 12.89 7.07 10.84
CA VAL A 127 14.03 6.29 11.32
C VAL A 127 15.33 6.57 10.60
N ASP A 128 16.40 6.70 11.37
CA ASP A 128 17.75 6.93 10.83
C ASP A 128 18.39 5.59 10.52
N ILE A 129 18.88 5.44 9.29
CA ILE A 129 19.52 4.21 8.86
C ILE A 129 20.96 4.49 8.47
N PRO A 130 21.90 3.64 8.93
CA PRO A 130 23.29 3.90 8.56
C PRO A 130 23.46 3.80 7.04
N GLN A 131 24.32 4.65 6.50
CA GLN A 131 24.56 4.70 5.06
C GLN A 131 24.85 3.36 4.37
N ASP A 132 25.48 2.44 5.07
CA ASP A 132 25.82 1.14 4.49
C ASP A 132 24.80 0.03 4.77
N THR A 133 23.78 0.34 5.55
CA THR A 133 22.76 -0.64 5.90
C THR A 133 21.78 -0.93 4.76
N TRP A 134 21.53 -2.22 4.54
CA TRP A 134 20.59 -2.65 3.50
C TRP A 134 19.25 -2.89 4.18
N ILE A 135 18.24 -2.11 3.79
CA ILE A 135 16.92 -2.24 4.36
C ILE A 135 16.05 -3.24 3.61
N GLU A 136 15.44 -4.16 4.35
CA GLU A 136 14.59 -5.17 3.76
C GLU A 136 13.15 -4.80 4.09
N GLN A 137 12.43 -4.31 3.08
CA GLN A 137 11.03 -3.91 3.21
C GLN A 137 10.07 -5.10 3.22
N PRO A 138 8.97 -4.98 3.98
CA PRO A 138 7.92 -5.99 4.15
C PRO A 138 7.39 -6.60 2.85
N TRP A 139 7.18 -5.76 1.85
CA TRP A 139 6.66 -6.21 0.56
C TRP A 139 7.56 -7.14 -0.23
N ASP A 140 8.85 -7.15 0.11
CA ASP A 140 9.80 -8.02 -0.58
C ASP A 140 10.05 -9.31 0.21
N MET A 141 9.39 -9.43 1.36
CA MET A 141 9.54 -10.60 2.21
C MET A 141 8.24 -11.38 2.31
N GLY A 142 8.30 -12.52 2.98
CA GLY A 142 7.13 -13.36 3.16
C GLY A 142 7.38 -14.37 4.25
N VAL A 143 6.31 -14.85 4.88
CA VAL A 143 6.43 -15.85 5.93
C VAL A 143 6.51 -17.22 5.29
N VAL A 144 7.67 -17.86 5.41
CA VAL A 144 7.88 -19.18 4.84
C VAL A 144 8.66 -20.07 5.81
N PHE A 145 8.76 -21.36 5.48
CA PHE A 145 9.47 -22.33 6.30
C PHE A 145 10.96 -22.01 6.38
N VAL A 146 11.52 -22.10 7.57
CA VAL A 146 12.94 -21.85 7.79
C VAL A 146 13.51 -23.06 8.53
N PRO A 147 14.43 -23.80 7.89
CA PRO A 147 15.05 -24.98 8.48
C PRO A 147 15.77 -24.67 9.79
N PRO A 148 15.79 -25.64 10.72
CA PRO A 148 16.45 -25.44 12.01
C PRO A 148 17.95 -25.19 11.79
N ILE A 149 18.55 -24.32 12.59
CA ILE A 149 19.96 -24.00 12.44
C ILE A 149 20.86 -25.23 12.59
N SER A 150 20.44 -26.17 13.43
CA SER A 150 21.21 -27.38 13.67
C SER A 150 21.01 -28.43 12.58
N GLY A 151 20.14 -28.15 11.62
CA GLY A 151 19.88 -29.07 10.52
C GLY A 151 19.00 -30.24 10.94
N ARG A 152 18.90 -30.48 12.25
CA ARG A 152 18.08 -31.55 12.81
C ARG A 152 17.11 -30.93 13.80
N GLU B 3 -17.38 -14.39 15.92
N GLU B 3 -20.43 -11.33 13.17
CA GLU B 3 -16.15 -13.62 16.02
CA GLU B 3 -19.21 -12.11 13.16
C GLU B 3 -16.17 -12.43 15.04
C GLU B 3 -18.04 -11.33 12.58
N LYS B 4 -15.05 -12.21 14.38
N LYS B 4 -16.86 -11.47 13.18
CA LYS B 4 -14.91 -11.12 13.42
CA LYS B 4 -15.69 -10.75 12.72
C LYS B 4 -13.82 -11.51 12.42
C LYS B 4 -14.65 -11.62 12.05
N TYR B 5 -14.05 -11.34 11.13
N TYR B 5 -14.06 -11.09 10.98
CA TYR B 5 -13.03 -11.76 10.17
C TYR B 5 -11.81 -10.86 10.15
N ILE B 6 -10.77 -11.27 10.85
CA ILE B 6 -9.52 -10.52 10.94
C ILE B 6 -8.56 -10.86 9.82
N VAL B 7 -8.05 -9.83 9.14
CA VAL B 7 -7.11 -10.01 8.04
C VAL B 7 -5.78 -9.35 8.43
N THR B 8 -4.73 -10.14 8.60
CA THR B 8 -3.43 -9.61 8.97
C THR B 8 -2.62 -9.32 7.72
N TRP B 9 -1.54 -8.57 7.88
CA TRP B 9 -0.67 -8.22 6.76
C TRP B 9 -0.13 -9.43 6.04
N ASP B 10 0.40 -10.39 6.80
CA ASP B 10 0.97 -11.61 6.24
C ASP B 10 -0.04 -12.35 5.38
N MET B 11 -1.26 -12.47 5.88
CA MET B 11 -2.31 -13.16 5.15
C MET B 11 -2.74 -12.42 3.89
N LEU B 12 -2.83 -11.09 3.97
CA LEU B 12 -3.21 -10.28 2.83
C LEU B 12 -2.15 -10.46 1.75
N GLN B 13 -0.90 -10.48 2.17
CA GLN B 13 0.25 -10.63 1.28
C GLN B 13 0.21 -11.98 0.58
N ILE B 14 -0.13 -13.02 1.32
CA ILE B 14 -0.23 -14.36 0.77
C ILE B 14 -1.33 -14.39 -0.30
N HIS B 15 -2.48 -13.81 0.03
CA HIS B 15 -3.61 -13.75 -0.89
C HIS B 15 -3.24 -13.00 -2.17
N ALA B 16 -2.57 -11.87 -2.01
CA ALA B 16 -2.15 -11.06 -3.14
C ALA B 16 -1.19 -11.83 -4.03
N ARG B 17 -0.27 -12.58 -3.42
CA ARG B 17 0.68 -13.37 -4.18
C ARG B 17 0.00 -14.47 -4.99
N LYS B 18 -1.05 -15.05 -4.43
CA LYS B 18 -1.79 -16.08 -5.13
C LYS B 18 -2.45 -15.44 -6.35
N LEU B 19 -3.04 -14.27 -6.16
CA LEU B 19 -3.69 -13.54 -7.24
C LEU B 19 -2.67 -13.20 -8.33
N ALA B 20 -1.48 -12.75 -7.91
CA ALA B 20 -0.43 -12.38 -8.83
C ALA B 20 -0.07 -13.54 -9.75
N SER B 21 0.15 -14.71 -9.18
CA SER B 21 0.50 -15.89 -9.96
C SER B 21 -0.59 -16.29 -10.95
N ARG B 22 -1.83 -15.94 -10.63
CA ARG B 22 -2.97 -16.25 -11.48
C ARG B 22 -3.07 -15.25 -12.64
N LEU B 23 -2.33 -14.16 -12.56
CA LEU B 23 -2.35 -13.13 -13.60
C LEU B 23 -1.17 -13.23 -14.58
N MET B 24 -0.38 -14.30 -14.45
CA MET B 24 0.77 -14.50 -15.33
C MET B 24 0.32 -14.86 -16.74
N PRO B 25 1.14 -14.54 -17.77
CA PRO B 25 2.44 -13.88 -17.74
C PRO B 25 2.30 -12.38 -17.48
N SER B 26 3.32 -11.81 -16.84
CA SER B 26 3.32 -10.39 -16.51
C SER B 26 3.41 -9.45 -17.72
N GLU B 27 4.03 -9.93 -18.79
CA GLU B 27 4.20 -9.13 -20.00
C GLU B 27 2.92 -8.72 -20.72
N GLN B 28 1.81 -9.34 -20.37
CA GLN B 28 0.53 -9.04 -21.01
C GLN B 28 -0.15 -7.80 -20.43
N TRP B 29 0.38 -7.29 -19.33
CA TRP B 29 -0.21 -6.13 -18.67
C TRP B 29 0.56 -4.83 -18.88
N LYS B 30 -0.18 -3.78 -19.21
CA LYS B 30 0.39 -2.45 -19.45
C LYS B 30 0.58 -1.72 -18.12
N GLY B 31 -0.33 -1.92 -17.18
CA GLY B 31 -0.23 -1.27 -15.89
C GLY B 31 -1.27 -1.76 -14.89
N ILE B 32 -1.28 -1.13 -13.71
CA ILE B 32 -2.20 -1.49 -12.65
C ILE B 32 -2.84 -0.21 -12.09
N ILE B 33 -4.16 -0.23 -11.98
CA ILE B 33 -4.92 0.88 -11.47
C ILE B 33 -5.54 0.46 -10.13
N ALA B 34 -5.14 1.14 -9.07
CA ALA B 34 -5.64 0.85 -7.74
C ALA B 34 -6.72 1.86 -7.36
N VAL B 35 -7.79 1.37 -6.75
CA VAL B 35 -8.89 2.23 -6.33
C VAL B 35 -8.64 2.66 -4.88
N SER B 36 -8.43 3.97 -4.68
CA SER B 36 -8.20 4.51 -3.35
C SER B 36 -9.40 4.22 -2.44
N ARG B 37 -9.14 3.79 -1.21
CA ARG B 37 -7.78 3.56 -0.70
C ARG B 37 -7.49 2.07 -0.59
N GLY B 38 -8.56 1.28 -0.44
CA GLY B 38 -8.43 -0.14 -0.30
C GLY B 38 -7.62 -0.89 -1.34
N GLY B 39 -7.56 -0.36 -2.56
CA GLY B 39 -6.81 -1.02 -3.61
C GLY B 39 -5.34 -0.68 -3.67
N LEU B 40 -4.92 0.34 -2.92
CA LEU B 40 -3.52 0.78 -2.91
C LEU B 40 -2.52 -0.32 -2.53
N VAL B 41 -2.64 -0.83 -1.31
CA VAL B 41 -1.74 -1.87 -0.82
C VAL B 41 -1.76 -3.13 -1.70
N PRO B 42 -2.95 -3.67 -1.99
CA PRO B 42 -2.95 -4.86 -2.85
C PRO B 42 -2.35 -4.57 -4.22
N GLY B 43 -2.55 -3.34 -4.68
CA GLY B 43 -2.02 -2.93 -5.98
C GLY B 43 -0.51 -2.87 -5.99
N ALA B 44 0.06 -2.36 -4.90
CA ALA B 44 1.51 -2.25 -4.76
C ALA B 44 2.13 -3.65 -4.69
N LEU B 45 1.41 -4.57 -4.06
CA LEU B 45 1.87 -5.94 -3.92
C LEU B 45 1.88 -6.62 -5.28
N LEU B 46 0.78 -6.51 -6.03
CA LEU B 46 0.70 -7.11 -7.36
C LEU B 46 1.80 -6.55 -8.24
N ALA B 47 1.96 -5.24 -8.22
CA ALA B 47 2.99 -4.55 -9.00
C ALA B 47 4.36 -5.13 -8.69
N ARG B 48 4.65 -5.34 -7.41
CA ARG B 48 5.92 -5.89 -6.99
C ARG B 48 6.08 -7.34 -7.47
N GLU B 49 4.99 -8.10 -7.42
CA GLU B 49 5.03 -9.50 -7.84
C GLU B 49 5.10 -9.70 -9.35
N LEU B 50 4.46 -8.80 -10.11
CA LEU B 50 4.44 -8.91 -11.56
C LEU B 50 5.61 -8.19 -12.23
N GLY B 51 6.14 -7.17 -11.57
CA GLY B 51 7.26 -6.42 -12.10
C GLY B 51 6.86 -5.09 -12.70
N ILE B 52 5.63 -4.67 -12.42
CA ILE B 52 5.12 -3.39 -12.92
C ILE B 52 5.62 -2.30 -11.99
N ARG B 53 6.51 -1.47 -12.51
CA ARG B 53 7.12 -0.38 -11.75
C ARG B 53 6.22 0.75 -11.27
N HIS B 54 5.12 1.00 -11.98
CA HIS B 54 4.23 2.08 -11.59
C HIS B 54 2.78 1.67 -11.42
N VAL B 55 2.17 2.15 -10.34
CA VAL B 55 0.77 1.87 -10.04
C VAL B 55 0.01 3.18 -10.11
N ASP B 56 -1.06 3.20 -10.92
CA ASP B 56 -1.88 4.39 -11.05
C ASP B 56 -3.01 4.29 -10.02
N THR B 57 -3.56 5.43 -9.63
CA THR B 57 -4.64 5.45 -8.65
C THR B 57 -5.86 6.23 -9.14
N VAL B 58 -7.04 5.78 -8.72
CA VAL B 58 -8.30 6.43 -9.04
C VAL B 58 -9.19 6.48 -7.81
N ALA B 59 -10.30 7.21 -7.92
CA ALA B 59 -11.24 7.33 -6.82
C ALA B 59 -12.63 7.57 -7.40
N ILE B 60 -13.53 6.64 -7.16
CA ILE B 60 -14.89 6.73 -7.65
C ILE B 60 -15.70 7.65 -6.74
N SER B 61 -16.87 8.06 -7.21
CA SER B 61 -17.75 8.93 -6.44
C SER B 61 -18.29 8.19 -5.22
N GLY B 81 -9.71 0.62 -20.95
CA GLY B 81 -8.33 0.43 -20.54
C GLY B 81 -7.87 -1.00 -20.76
N GLU B 82 -7.51 -1.33 -22.00
CA GLU B 82 -7.05 -2.67 -22.32
C GLU B 82 -5.64 -2.88 -21.81
N GLY B 83 -5.40 -4.06 -21.23
CA GLY B 83 -4.09 -4.39 -20.71
C GLY B 83 -3.86 -3.90 -19.30
N PHE B 84 -4.83 -3.18 -18.74
CA PHE B 84 -4.72 -2.67 -17.38
C PHE B 84 -5.48 -3.53 -16.39
N ILE B 85 -4.94 -3.65 -15.19
CA ILE B 85 -5.57 -4.42 -14.13
C ILE B 85 -6.10 -3.41 -13.13
N VAL B 86 -7.38 -3.49 -12.81
CA VAL B 86 -7.97 -2.59 -11.82
C VAL B 86 -8.21 -3.43 -10.58
N ILE B 87 -7.62 -3.02 -9.46
CA ILE B 87 -7.75 -3.78 -8.23
C ILE B 87 -8.37 -3.02 -7.05
N ASP B 88 -9.14 -3.76 -6.25
CA ASP B 88 -9.79 -3.22 -5.07
C ASP B 88 -9.69 -4.30 -4.00
N ASP B 89 -9.61 -3.90 -2.74
CA ASP B 89 -9.49 -4.84 -1.64
C ASP B 89 -10.66 -5.83 -1.52
N LEU B 90 -11.88 -5.31 -1.57
CA LEU B 90 -13.07 -6.13 -1.43
C LEU B 90 -14.21 -5.57 -2.26
N VAL B 91 -15.05 -6.47 -2.76
CA VAL B 91 -16.21 -6.10 -3.55
C VAL B 91 -17.47 -6.61 -2.84
N ASP B 92 -18.15 -5.68 -2.17
CA ASP B 92 -19.37 -6.01 -1.43
C ASP B 92 -20.59 -5.65 -2.27
N THR B 93 -20.68 -4.40 -2.69
CA THR B 93 -21.79 -3.93 -3.49
C THR B 93 -21.34 -3.85 -4.95
N THR B 96 -19.19 0.08 -5.86
CA THR B 96 -18.24 0.86 -6.65
C THR B 96 -17.86 0.10 -7.92
N ALA B 97 -18.11 -1.22 -7.92
CA ALA B 97 -17.80 -2.08 -9.05
C ALA B 97 -18.38 -1.53 -10.36
N VAL B 98 -19.61 -1.03 -10.30
CA VAL B 98 -20.28 -0.47 -11.47
C VAL B 98 -19.50 0.69 -12.09
N ALA B 99 -19.14 1.66 -11.26
CA ALA B 99 -18.40 2.83 -11.71
C ALA B 99 -17.12 2.42 -12.42
N ILE B 100 -16.45 1.40 -11.89
CA ILE B 100 -15.22 0.89 -12.46
C ILE B 100 -15.47 0.35 -13.86
N ARG B 101 -16.53 -0.45 -14.01
CA ARG B 101 -16.89 -1.02 -15.30
C ARG B 101 -17.18 0.02 -16.37
N GLU B 102 -17.75 1.15 -15.96
CA GLU B 102 -18.07 2.23 -16.88
C GLU B 102 -16.83 2.99 -17.31
N MET B 103 -15.96 3.29 -16.34
CA MET B 103 -14.73 4.02 -16.61
C MET B 103 -13.72 3.19 -17.40
N TYR B 104 -13.59 1.92 -17.04
CA TYR B 104 -12.65 1.02 -17.70
C TYR B 104 -13.37 -0.26 -18.12
N PRO B 105 -13.97 -0.26 -19.32
CA PRO B 105 -14.70 -1.42 -19.85
C PRO B 105 -13.83 -2.61 -20.26
N LYS B 106 -12.58 -2.33 -20.65
CA LYS B 106 -11.68 -3.39 -21.09
C LYS B 106 -10.61 -3.78 -20.07
N ALA B 107 -10.71 -3.24 -18.85
CA ALA B 107 -9.75 -3.54 -17.80
C ALA B 107 -10.06 -4.86 -17.11
N HIS B 108 -9.03 -5.47 -16.53
CA HIS B 108 -9.22 -6.72 -15.82
C HIS B 108 -9.44 -6.39 -14.35
N PHE B 109 -10.71 -6.30 -13.98
CA PHE B 109 -11.10 -5.98 -12.61
C PHE B 109 -10.94 -7.18 -11.68
N VAL B 110 -10.08 -7.04 -10.68
CA VAL B 110 -9.83 -8.10 -9.71
C VAL B 110 -9.85 -7.56 -8.28
N THR B 111 -10.16 -8.45 -7.33
CA THR B 111 -10.21 -8.09 -5.92
C THR B 111 -9.63 -9.22 -5.09
N ILE B 112 -9.22 -8.91 -3.86
CA ILE B 112 -8.66 -9.93 -2.99
C ILE B 112 -9.82 -10.73 -2.38
N PHE B 113 -10.79 -10.01 -1.81
CA PHE B 113 -11.95 -10.65 -1.21
C PHE B 113 -13.21 -10.32 -2.01
N ALA B 114 -14.24 -11.14 -1.84
CA ALA B 114 -15.49 -10.93 -2.55
C ALA B 114 -16.64 -11.59 -1.81
N LYS B 115 -17.74 -10.88 -1.68
CA LYS B 115 -18.95 -11.39 -1.02
C LYS B 115 -19.89 -11.91 -2.09
N PRO B 116 -21.01 -12.56 -1.72
CA PRO B 116 -21.93 -13.13 -2.71
C PRO B 116 -22.46 -12.13 -3.72
N ALA B 117 -22.84 -10.95 -3.24
CA ALA B 117 -23.38 -9.90 -4.07
C ALA B 117 -22.42 -9.40 -5.17
N GLY B 118 -21.19 -9.10 -4.78
CA GLY B 118 -20.23 -8.59 -5.73
C GLY B 118 -19.48 -9.63 -6.55
N ARG B 119 -19.58 -10.89 -6.15
CA ARG B 119 -18.89 -11.98 -6.85
C ARG B 119 -19.08 -12.01 -8.36
N PRO B 120 -20.30 -11.70 -8.85
CA PRO B 120 -20.46 -11.72 -10.32
C PRO B 120 -19.92 -10.49 -11.04
N LEU B 121 -19.50 -9.48 -10.27
CA LEU B 121 -18.99 -8.24 -10.86
C LEU B 121 -17.50 -8.23 -11.21
N VAL B 122 -16.69 -8.92 -10.42
CA VAL B 122 -15.25 -8.97 -10.67
C VAL B 122 -14.86 -10.09 -11.61
N ASP B 123 -13.78 -9.88 -12.36
CA ASP B 123 -13.28 -10.88 -13.30
C ASP B 123 -12.56 -11.99 -12.55
N ASP B 124 -12.02 -11.64 -11.37
CA ASP B 124 -11.29 -12.61 -10.57
C ASP B 124 -11.14 -12.10 -9.14
N TYR B 125 -11.02 -13.03 -8.21
CA TYR B 125 -10.86 -12.72 -6.79
C TYR B 125 -10.11 -13.88 -6.14
N VAL B 126 -9.77 -13.75 -4.86
CA VAL B 126 -9.03 -14.79 -4.16
C VAL B 126 -9.79 -15.52 -3.05
N VAL B 127 -10.35 -14.77 -2.10
CA VAL B 127 -11.07 -15.37 -0.99
C VAL B 127 -12.55 -15.03 -0.93
N ASP B 128 -13.35 -16.04 -0.61
CA ASP B 128 -14.80 -15.91 -0.48
C ASP B 128 -15.16 -15.67 0.98
N ILE B 129 -15.95 -14.63 1.23
CA ILE B 129 -16.38 -14.33 2.60
C ILE B 129 -17.89 -14.17 2.62
N PRO B 130 -18.56 -14.72 3.65
CA PRO B 130 -20.01 -14.62 3.76
C PRO B 130 -20.52 -13.18 3.75
N GLN B 131 -21.70 -12.99 3.17
CA GLN B 131 -22.32 -11.67 3.07
C GLN B 131 -22.45 -10.97 4.42
N ASP B 132 -22.59 -11.75 5.48
CA ASP B 132 -22.76 -11.23 6.83
C ASP B 132 -21.48 -11.03 7.65
N THR B 133 -20.32 -11.31 7.06
CA THR B 133 -19.08 -11.17 7.81
C THR B 133 -18.46 -9.78 7.88
N TRP B 134 -18.14 -9.38 9.11
CA TRP B 134 -17.52 -8.09 9.36
C TRP B 134 -16.02 -8.31 9.20
N ILE B 135 -15.49 -7.86 8.07
CA ILE B 135 -14.07 -8.03 7.76
C ILE B 135 -13.25 -6.80 8.13
N GLU B 136 -12.19 -7.01 8.90
CA GLU B 136 -11.32 -5.91 9.32
C GLU B 136 -9.98 -6.05 8.61
N GLN B 137 -9.58 -4.99 7.92
CA GLN B 137 -8.34 -4.96 7.16
C GLN B 137 -7.15 -4.53 8.01
N PRO B 138 -5.94 -5.05 7.72
CA PRO B 138 -4.70 -4.73 8.45
C PRO B 138 -4.37 -3.25 8.62
N TRP B 139 -4.62 -2.44 7.60
CA TRP B 139 -4.32 -1.01 7.70
C TRP B 139 -5.18 -0.27 8.72
N ASP B 140 -6.27 -0.91 9.15
CA ASP B 140 -7.16 -0.31 10.13
C ASP B 140 -6.90 -0.85 11.53
N MET B 141 -5.86 -1.68 11.67
CA MET B 141 -5.53 -2.28 12.94
C MET B 141 -4.08 -2.06 13.32
N GLY B 142 -3.68 -2.63 14.45
CA GLY B 142 -2.32 -2.51 14.93
C GLY B 142 -2.08 -3.40 16.12
N VAL B 143 -0.81 -3.59 16.47
CA VAL B 143 -0.44 -4.43 17.59
C VAL B 143 -0.35 -3.59 18.86
N VAL B 144 -1.32 -3.76 19.75
CA VAL B 144 -1.35 -3.01 21.01
C VAL B 144 -1.60 -3.96 22.18
N PHE B 145 -1.48 -3.44 23.39
CA PHE B 145 -1.68 -4.23 24.60
C PHE B 145 -3.13 -4.68 24.69
N VAL B 146 -3.32 -5.98 24.95
CA VAL B 146 -4.65 -6.55 25.09
C VAL B 146 -4.73 -7.20 26.46
N PRO B 147 -5.57 -6.64 27.34
CA PRO B 147 -5.75 -7.15 28.71
C PRO B 147 -6.07 -8.64 28.75
N PRO B 148 -5.65 -9.33 29.84
CA PRO B 148 -5.92 -10.76 29.97
C PRO B 148 -7.42 -11.00 30.13
N ILE B 149 -7.89 -12.16 29.71
CA ILE B 149 -9.30 -12.49 29.83
C ILE B 149 -9.68 -12.67 31.30
N SER B 150 -8.75 -13.20 32.09
CA SER B 150 -8.97 -13.40 33.52
C SER B 150 -9.07 -12.07 34.24
#